data_4DHI
#
_entry.id   4DHI
#
_cell.length_a   111.070
_cell.length_b   111.070
_cell.length_c   179.612
_cell.angle_alpha   90.00
_cell.angle_beta   90.00
_cell.angle_gamma   120.00
#
_symmetry.space_group_name_H-M   'P 61 2 2'
#
loop_
_entity.id
_entity.type
_entity.pdbx_description
1 polymer 'Ubiquitin thioesterase otubain-like'
2 polymer 'Ubiquitin-conjugating enzyme E2 N'
3 water water
#
loop_
_entity_poly.entity_id
_entity_poly.type
_entity_poly.pdbx_seq_one_letter_code
_entity_poly.pdbx_strand_id
1 'polypeptide(L)'
;MANEPQKSDDNGQAAEAVVTDDEIVLQDQQLKTIEDEQKSVPLVATLAPFSILCAEYDNETSAAFLSKATELSEVYGEIR
YIRGDGNCFYRAILVGLIEIMLKDRARLEKFIASSRDWTRTLVELGFPDWTCTDFCDFFIEFLEKIHSGVHTEEAVYTIL
NDDGSANYILMFFRLITSAFLKQNSEEYAPFIDEGMTVAQYCEQEIEPMWKDADHLAINSLIKAAGTRVRIEYMDRTAAP
NGGWHYDIPSDDQQIAPEITLLYRPGHYDVIYKKDSTEASEIEN
;
B
2 'polypeptide(L)'
;MAGLPRRIIKETQRLLAEPVPGIKAEPDESNARYFHVVIAGPQDSPFEGGTFKLELFLPEEYPMAAPKVRFMTKIYHPNV
DKLGRICLDILKDKWSPALQIRTVLLSIQALLSAPNPDDPLANDVAEQWKTNEAQAIETARAWTRLYAMNNI
;
D
#
# COMPACT_ATOMS: atom_id res chain seq x y z
N GLN A 38 12.48 7.50 16.09
CA GLN A 38 11.06 7.11 15.83
C GLN A 38 10.75 5.75 16.47
N LYS A 39 11.76 5.17 17.12
CA LYS A 39 11.69 3.86 17.80
C LYS A 39 10.41 3.65 18.62
N SER A 40 10.13 4.59 19.50
CA SER A 40 9.04 4.47 20.47
C SER A 40 7.66 4.98 20.01
N VAL A 41 7.57 5.61 18.83
CA VAL A 41 6.47 6.55 18.59
C VAL A 41 5.13 5.96 18.08
N PRO A 42 4.00 6.47 18.62
CA PRO A 42 2.70 5.97 18.19
C PRO A 42 2.38 6.42 16.76
N LEU A 43 1.38 5.79 16.15
CA LEU A 43 0.99 6.21 14.81
C LEU A 43 0.53 7.66 14.82
N VAL A 44 -0.25 8.02 15.83
CA VAL A 44 -0.85 9.35 15.95
C VAL A 44 -0.65 9.83 17.37
N ALA A 45 0.17 10.86 17.53
CA ALA A 45 0.49 11.39 18.86
C ALA A 45 -0.67 12.19 19.45
N THR A 46 -0.56 12.51 20.75
CA THR A 46 -1.46 13.48 21.40
C THR A 46 -1.06 14.90 20.98
N LEU A 47 -1.91 15.88 21.29
CA LEU A 47 -1.61 17.28 20.99
C LEU A 47 -0.51 17.78 21.91
N ALA A 48 0.47 18.48 21.33
CA ALA A 48 1.56 19.07 22.08
C ALA A 48 1.62 20.56 21.76
N PRO A 49 2.14 21.39 22.69
CA PRO A 49 2.36 22.80 22.30
C PRO A 49 3.38 22.91 21.15
N PHE A 50 3.13 23.80 20.20
CA PHE A 50 4.03 23.99 19.06
C PHE A 50 5.48 24.26 19.47
N SER A 51 5.66 24.93 20.60
CA SER A 51 7.01 25.28 21.07
C SER A 51 7.92 24.05 21.28
N ILE A 52 7.33 22.90 21.56
CA ILE A 52 8.13 21.72 21.83
C ILE A 52 8.71 21.09 20.55
N LEU A 53 8.26 21.56 19.38
CA LEU A 53 8.85 21.11 18.10
C LEU A 53 10.37 21.24 18.09
N CYS A 54 10.87 22.34 18.62
CA CYS A 54 12.32 22.54 18.66
C CYS A 54 13.06 21.59 19.59
N ALA A 55 12.36 20.90 20.49
CA ALA A 55 13.02 19.92 21.35
C ALA A 55 13.41 18.61 20.62
N GLU A 56 12.88 18.38 19.41
CA GLU A 56 13.17 17.15 18.64
C GLU A 56 14.62 17.11 18.15
N TYR A 57 15.32 16.01 18.42
CA TYR A 57 16.76 15.96 18.13
C TYR A 57 17.11 15.87 16.64
N ASP A 58 16.13 15.56 15.79
CA ASP A 58 16.44 15.46 14.35
C ASP A 58 16.45 16.80 13.60
N ASN A 59 15.98 17.86 14.26
CA ASN A 59 15.95 19.19 13.64
C ASN A 59 17.35 19.72 13.38
N GLU A 60 17.51 20.39 12.25
CA GLU A 60 18.77 21.08 11.92
C GLU A 60 19.19 22.03 13.06
N THR A 61 20.47 21.98 13.44
CA THR A 61 20.97 22.82 14.52
C THR A 61 21.39 24.16 13.94
N SER A 62 20.43 25.05 13.79
CA SER A 62 20.68 26.33 13.14
C SER A 62 19.75 27.43 13.62
N ALA A 63 20.26 28.66 13.59
CA ALA A 63 19.46 29.82 13.92
C ALA A 63 18.39 30.02 12.86
N ALA A 64 18.65 29.57 11.63
CA ALA A 64 17.65 29.60 10.56
C ALA A 64 16.43 28.75 10.93
N PHE A 65 16.67 27.54 11.42
CA PHE A 65 15.54 26.67 11.81
C PHE A 65 14.81 27.31 12.99
N LEU A 66 15.57 27.73 13.99
CA LEU A 66 15.02 28.43 15.15
C LEU A 66 14.13 29.61 14.79
N SER A 67 14.64 30.47 13.89
CA SER A 67 13.88 31.64 13.47
C SER A 67 12.56 31.29 12.78
N LYS A 68 12.60 30.30 11.90
CA LYS A 68 11.42 29.86 11.18
C LYS A 68 10.40 29.26 12.16
N ALA A 69 10.89 28.44 13.09
CA ALA A 69 9.98 27.87 14.09
C ALA A 69 9.38 28.98 14.96
N THR A 70 10.18 29.99 15.28
CA THR A 70 9.67 31.14 16.05
C THR A 70 8.54 31.85 15.29
N GLU A 71 8.77 32.14 14.01
CA GLU A 71 7.71 32.72 13.15
C GLU A 71 6.43 31.89 13.13
N LEU A 72 6.59 30.57 12.97
CA LEU A 72 5.43 29.69 12.90
C LEU A 72 4.69 29.65 14.24
N SER A 73 5.43 29.78 15.34
CA SER A 73 4.81 29.71 16.68
C SER A 73 3.92 30.93 16.97
N GLU A 74 4.04 31.99 16.18
CA GLU A 74 3.14 33.15 16.30
C GLU A 74 1.76 32.86 15.70
N VAL A 75 1.69 31.86 14.83
CA VAL A 75 0.49 31.52 14.08
C VAL A 75 -0.14 30.22 14.63
N TYR A 76 0.72 29.25 14.94
CA TYR A 76 0.30 27.89 15.31
C TYR A 76 0.57 27.59 16.78
N GLY A 77 -0.44 27.08 17.47
CA GLY A 77 -0.34 26.82 18.90
C GLY A 77 -0.02 25.39 19.28
N GLU A 78 -0.38 24.45 18.42
CA GLU A 78 -0.20 23.02 18.72
C GLU A 78 0.29 22.21 17.53
N ILE A 79 0.89 21.06 17.82
CA ILE A 79 1.36 20.14 16.78
C ILE A 79 1.03 18.72 17.20
N ARG A 80 0.62 17.90 16.24
CA ARG A 80 0.31 16.49 16.48
C ARG A 80 1.22 15.67 15.58
N TYR A 81 2.17 14.95 16.18
CA TYR A 81 3.10 14.15 15.41
C TYR A 81 2.43 12.90 14.81
N ILE A 82 2.80 12.60 13.57
CA ILE A 82 2.30 11.43 12.84
C ILE A 82 3.51 10.58 12.55
N ARG A 83 3.43 9.26 12.78
CA ARG A 83 4.60 8.40 12.54
C ARG A 83 5.16 8.60 11.14
N GLY A 84 6.47 8.89 11.07
CA GLY A 84 7.10 9.22 9.79
C GLY A 84 7.53 8.02 8.95
N ASP A 85 6.62 7.12 8.66
CA ASP A 85 6.95 6.01 7.77
C ASP A 85 6.37 6.24 6.38
N GLY A 86 6.37 5.22 5.53
CA GLY A 86 5.91 5.35 4.16
C GLY A 86 4.42 5.69 4.06
N ASN A 87 3.71 5.62 5.18
CA ASN A 87 2.27 5.94 5.19
C ASN A 87 1.95 7.34 5.69
N CYS A 88 2.99 8.08 6.07
CA CYS A 88 2.83 9.31 6.82
C CYS A 88 1.85 10.31 6.20
N PHE A 89 2.06 10.65 4.92
CA PHE A 89 1.19 11.68 4.32
C PHE A 89 -0.29 11.29 4.35
N TYR A 90 -0.59 10.05 3.96
CA TYR A 90 -1.96 9.56 4.01
C TYR A 90 -2.53 9.65 5.44
N ARG A 91 -1.71 9.26 6.41
CA ARG A 91 -2.14 9.25 7.80
C ARG A 91 -2.42 10.65 8.33
N ALA A 92 -1.58 11.62 7.97
CA ALA A 92 -1.77 12.99 8.45
C ALA A 92 -3.09 13.54 7.88
N ILE A 93 -3.36 13.25 6.61
CA ILE A 93 -4.59 13.72 5.97
C ILE A 93 -5.81 13.04 6.61
N LEU A 94 -5.76 11.73 6.80
CA LEU A 94 -6.94 11.09 7.40
C LEU A 94 -7.21 11.56 8.83
N VAL A 95 -6.13 11.82 9.59
CA VAL A 95 -6.29 12.40 10.93
C VAL A 95 -6.95 13.79 10.85
N GLY A 96 -6.44 14.64 9.96
CA GLY A 96 -7.01 15.98 9.80
C GLY A 96 -8.49 15.93 9.39
N LEU A 97 -8.82 15.02 8.49
CA LEU A 97 -10.21 14.85 8.05
C LEU A 97 -11.11 14.38 9.17
N ILE A 98 -10.67 13.35 9.89
CA ILE A 98 -11.48 12.80 10.98
C ILE A 98 -11.69 13.84 12.07
N GLU A 99 -10.68 14.69 12.30
CA GLU A 99 -10.86 15.77 13.26
C GLU A 99 -11.94 16.76 12.88
N ILE A 100 -12.02 17.11 11.59
CA ILE A 100 -13.12 17.94 11.07
C ILE A 100 -14.47 17.25 11.32
N MET A 101 -14.55 15.96 11.00
CA MET A 101 -15.80 15.20 11.13
C MET A 101 -16.27 15.07 12.58
N LEU A 102 -15.32 14.99 13.51
CA LEU A 102 -15.67 14.88 14.93
C LEU A 102 -16.40 16.13 15.43
N LYS A 103 -16.20 17.24 14.74
CA LYS A 103 -16.80 18.51 15.13
C LYS A 103 -18.00 18.94 14.27
N ASP A 104 -18.30 18.17 13.21
CA ASP A 104 -19.35 18.59 12.27
C ASP A 104 -20.09 17.39 11.69
N ARG A 105 -21.20 16.98 12.30
CA ARG A 105 -21.94 15.82 11.77
C ARG A 105 -22.47 16.00 10.37
N ALA A 106 -22.81 17.25 10.01
CA ALA A 106 -23.32 17.53 8.67
C ALA A 106 -22.26 17.20 7.62
N ARG A 107 -21.02 17.58 7.90
CA ARG A 107 -19.90 17.25 7.03
C ARG A 107 -19.66 15.74 7.02
N LEU A 108 -19.77 15.14 8.21
CA LEU A 108 -19.55 13.71 8.36
C LEU A 108 -20.56 12.90 7.53
N GLU A 109 -21.84 13.30 7.57
CA GLU A 109 -22.85 12.65 6.72
C GLU A 109 -22.49 12.68 5.24
N LYS A 110 -22.09 13.86 4.77
CA LYS A 110 -21.67 14.02 3.38
C LYS A 110 -20.46 13.16 3.04
N PHE A 111 -19.52 13.09 3.98
CA PHE A 111 -18.31 12.31 3.76
C PHE A 111 -18.58 10.81 3.74
N ILE A 112 -19.51 10.36 4.59
CA ILE A 112 -19.93 8.97 4.55
C ILE A 112 -20.58 8.65 3.20
N ALA A 113 -21.47 9.54 2.73
CA ALA A 113 -22.11 9.35 1.44
C ALA A 113 -21.10 9.28 0.28
N SER A 114 -20.12 10.17 0.30
CA SER A 114 -19.10 10.15 -0.76
C SER A 114 -18.20 8.93 -0.66
N SER A 115 -17.92 8.46 0.56
CA SER A 115 -17.12 7.24 0.75
C SER A 115 -17.89 6.01 0.23
N ARG A 116 -19.20 5.98 0.47
CA ARG A 116 -20.05 4.92 -0.09
C ARG A 116 -20.01 4.98 -1.64
N ASP A 117 -19.97 6.19 -2.18
CA ASP A 117 -19.93 6.32 -3.63
C ASP A 117 -18.57 5.94 -4.24
N TRP A 118 -17.49 6.17 -3.50
CA TRP A 118 -16.18 5.67 -3.95
C TRP A 118 -16.21 4.14 -4.01
N THR A 119 -16.90 3.51 -3.07
CA THR A 119 -17.01 2.05 -3.06
C THR A 119 -17.60 1.56 -4.39
N ARG A 120 -18.65 2.24 -4.85
CA ARG A 120 -19.28 1.93 -6.14
C ARG A 120 -18.30 2.15 -7.27
N THR A 121 -17.55 3.27 -7.19
CA THR A 121 -16.63 3.67 -8.27
C THR A 121 -15.46 2.70 -8.42
N LEU A 122 -14.98 2.17 -7.30
CA LEU A 122 -13.91 1.15 -7.35
C LEU A 122 -14.33 -0.05 -8.20
N VAL A 123 -15.52 -0.57 -7.95
CA VAL A 123 -16.04 -1.71 -8.72
C VAL A 123 -16.13 -1.36 -10.22
N GLU A 124 -16.65 -0.17 -10.52
CA GLU A 124 -16.78 0.31 -11.92
C GLU A 124 -15.44 0.42 -12.65
N LEU A 125 -14.40 0.80 -11.93
CA LEU A 125 -13.06 0.99 -12.50
C LEU A 125 -12.25 -0.31 -12.55
N GLY A 126 -12.88 -1.40 -12.15
CA GLY A 126 -12.26 -2.71 -12.28
C GLY A 126 -11.31 -3.12 -11.16
N PHE A 127 -11.45 -2.49 -9.98
CA PHE A 127 -10.66 -2.90 -8.82
C PHE A 127 -11.16 -4.26 -8.40
N PRO A 128 -10.29 -5.10 -7.82
CA PRO A 128 -10.79 -6.39 -7.31
C PRO A 128 -11.95 -6.13 -6.36
N ASP A 129 -13.11 -6.72 -6.66
CA ASP A 129 -14.37 -6.37 -5.99
C ASP A 129 -14.34 -6.59 -4.49
N TRP A 130 -14.29 -7.84 -4.06
CA TRP A 130 -14.50 -8.10 -2.64
C TRP A 130 -13.35 -7.65 -1.74
N THR A 131 -12.10 -7.81 -2.18
CA THR A 131 -10.98 -7.37 -1.34
C THR A 131 -11.04 -5.86 -1.08
N CYS A 132 -11.35 -5.07 -2.10
CA CYS A 132 -11.41 -3.62 -1.94
C CYS A 132 -12.65 -3.17 -1.16
N THR A 133 -13.77 -3.83 -1.41
CA THR A 133 -15.02 -3.52 -0.69
C THR A 133 -14.87 -3.72 0.81
N ASP A 134 -14.10 -4.74 1.23
CA ASP A 134 -13.81 -4.98 2.64
C ASP A 134 -13.23 -3.73 3.32
N PHE A 135 -12.28 -3.07 2.66
CA PHE A 135 -11.66 -1.88 3.24
C PHE A 135 -12.63 -0.73 3.28
N CYS A 136 -13.40 -0.58 2.21
CA CYS A 136 -14.43 0.46 2.16
C CYS A 136 -15.44 0.24 3.29
N ASP A 137 -15.94 -0.98 3.39
CA ASP A 137 -16.95 -1.30 4.43
C ASP A 137 -16.43 -1.03 5.84
N PHE A 138 -15.18 -1.40 6.09
CA PHE A 138 -14.57 -1.22 7.41
C PHE A 138 -14.50 0.26 7.79
N PHE A 139 -14.03 1.08 6.85
CA PHE A 139 -13.90 2.50 7.08
C PHE A 139 -15.27 3.15 7.27
N ILE A 140 -16.22 2.77 6.41
CA ILE A 140 -17.55 3.35 6.52
C ILE A 140 -18.22 2.98 7.85
N GLU A 141 -18.05 1.75 8.31
CA GLU A 141 -18.67 1.32 9.58
C GLU A 141 -18.11 2.14 10.74
N PHE A 142 -16.81 2.42 10.68
CA PHE A 142 -16.10 3.28 11.65
C PHE A 142 -16.71 4.69 11.65
N LEU A 143 -16.86 5.29 10.46
CA LEU A 143 -17.47 6.61 10.38
C LEU A 143 -18.91 6.59 10.88
N GLU A 144 -19.66 5.54 10.52
CA GLU A 144 -21.07 5.44 10.94
C GLU A 144 -21.19 5.38 12.48
N LYS A 145 -20.21 4.74 13.13
CA LYS A 145 -20.19 4.66 14.60
C LYS A 145 -19.85 6.00 15.24
N ILE A 146 -18.97 6.78 14.60
CA ILE A 146 -18.80 8.16 15.02
C ILE A 146 -20.10 8.96 14.89
N HIS A 147 -20.74 8.83 13.73
CA HIS A 147 -21.94 9.58 13.43
C HIS A 147 -23.06 9.23 14.42
N SER A 148 -23.13 7.95 14.83
CA SER A 148 -24.18 7.51 15.76
C SER A 148 -23.99 8.09 17.17
N GLY A 149 -22.75 8.49 17.49
CA GLY A 149 -22.42 9.06 18.80
C GLY A 149 -21.83 8.04 19.76
N VAL A 150 -21.73 6.80 19.31
CA VAL A 150 -21.24 5.70 20.16
C VAL A 150 -19.72 5.86 20.49
N HIS A 151 -18.94 6.28 19.50
CA HIS A 151 -17.51 6.54 19.71
C HIS A 151 -17.27 7.90 20.31
N THR A 152 -16.58 7.93 21.45
CA THR A 152 -16.04 9.18 21.97
C THR A 152 -14.77 9.58 21.20
N GLU A 153 -14.33 10.82 21.39
CA GLU A 153 -13.07 11.27 20.81
C GLU A 153 -11.95 10.32 21.21
N GLU A 154 -11.96 9.90 22.47
CA GLU A 154 -10.91 9.02 23.01
C GLU A 154 -10.93 7.65 22.30
N ALA A 155 -12.13 7.10 22.07
CA ALA A 155 -12.27 5.83 21.38
C ALA A 155 -11.71 5.93 19.96
N VAL A 156 -11.96 7.06 19.31
CA VAL A 156 -11.47 7.26 17.94
C VAL A 156 -9.94 7.28 17.91
N TYR A 157 -9.33 8.01 18.84
CA TYR A 157 -7.88 8.05 18.82
CA TYR A 157 -7.86 8.07 18.99
C TYR A 157 -7.25 6.68 19.16
N THR A 158 -7.91 5.85 19.98
CA THR A 158 -7.45 4.48 20.20
C THR A 158 -7.48 3.65 18.92
N ILE A 159 -8.58 3.74 18.17
CA ILE A 159 -8.68 3.03 16.91
C ILE A 159 -7.61 3.49 15.91
N LEU A 160 -7.35 4.80 15.85
CA LEU A 160 -6.37 5.34 14.90
C LEU A 160 -4.92 4.97 15.26
N ASN A 161 -4.75 4.43 16.47
CA ASN A 161 -3.44 3.96 16.93
C ASN A 161 -3.26 2.44 17.01
N ASP A 162 -4.33 1.70 16.68
CA ASP A 162 -4.28 0.25 16.59
C ASP A 162 -3.80 -0.12 15.20
N ASP A 163 -2.63 -0.75 15.07
CA ASP A 163 -2.05 -1.02 13.75
C ASP A 163 -3.07 -1.64 12.78
N GLY A 164 -3.76 -2.70 13.23
CA GLY A 164 -4.76 -3.38 12.39
C GLY A 164 -5.85 -2.45 11.84
N SER A 165 -6.60 -1.81 12.73
CA SER A 165 -7.67 -0.90 12.34
C SER A 165 -7.13 0.30 11.56
N ALA A 166 -6.06 0.88 12.09
CA ALA A 166 -5.51 2.10 11.46
C ALA A 166 -5.03 1.87 10.03
N ASN A 167 -4.43 0.70 9.76
CA ASN A 167 -3.97 0.41 8.42
C ASN A 167 -5.09 0.01 7.46
N TYR A 168 -6.14 -0.62 7.98
CA TYR A 168 -7.33 -0.85 7.17
C TYR A 168 -7.92 0.49 6.70
N ILE A 169 -7.99 1.44 7.63
CA ILE A 169 -8.53 2.77 7.34
C ILE A 169 -7.63 3.47 6.33
N LEU A 170 -6.32 3.41 6.57
CA LEU A 170 -5.39 4.05 5.66
C LEU A 170 -5.50 3.47 4.25
N MET A 171 -5.71 2.15 4.15
CA MET A 171 -5.82 1.51 2.84
C MET A 171 -6.98 2.10 2.01
N PHE A 172 -8.10 2.42 2.68
CA PHE A 172 -9.21 3.07 1.96
C PHE A 172 -8.72 4.34 1.25
N PHE A 173 -7.89 5.13 1.93
CA PHE A 173 -7.34 6.34 1.30
C PHE A 173 -6.37 6.07 0.16
N ARG A 174 -5.55 5.02 0.27
CA ARG A 174 -4.76 4.65 -0.91
C ARG A 174 -5.66 4.26 -2.10
N LEU A 175 -6.74 3.54 -1.80
CA LEU A 175 -7.65 3.06 -2.86
C LEU A 175 -8.31 4.23 -3.58
N ILE A 176 -8.82 5.22 -2.84
CA ILE A 176 -9.53 6.34 -3.53
C ILE A 176 -8.56 7.25 -4.29
N THR A 177 -7.32 7.34 -3.81
CA THR A 177 -6.26 8.05 -4.50
C THR A 177 -5.98 7.40 -5.86
N SER A 178 -5.84 6.07 -5.85
CA SER A 178 -5.66 5.31 -7.08
C SER A 178 -6.88 5.44 -8.01
N ALA A 179 -8.08 5.25 -7.46
CA ALA A 179 -9.33 5.41 -8.21
C ALA A 179 -9.43 6.77 -8.88
N PHE A 180 -9.10 7.84 -8.15
CA PHE A 180 -9.14 9.19 -8.69
C PHE A 180 -8.22 9.35 -9.90
N LEU A 181 -7.02 8.79 -9.79
CA LEU A 181 -6.07 8.84 -10.89
C LEU A 181 -6.57 8.05 -12.09
N LYS A 182 -7.09 6.86 -11.86
CA LYS A 182 -7.58 6.00 -12.94
C LYS A 182 -8.79 6.61 -13.63
N GLN A 183 -9.67 7.23 -12.84
CA GLN A 183 -10.88 7.88 -13.35
C GLN A 183 -10.54 9.11 -14.21
N ASN A 184 -9.43 9.75 -13.88
CA ASN A 184 -8.98 10.93 -14.61
C ASN A 184 -7.67 10.67 -15.34
N SER A 185 -7.51 9.44 -15.84
CA SER A 185 -6.22 9.00 -16.40
C SER A 185 -5.73 9.85 -17.57
N GLU A 186 -6.66 10.23 -18.45
CA GLU A 186 -6.30 11.06 -19.61
C GLU A 186 -5.68 12.37 -19.14
N GLU A 187 -6.25 12.94 -18.09
CA GLU A 187 -5.81 14.23 -17.56
C GLU A 187 -4.43 14.19 -16.88
N TYR A 188 -4.12 13.08 -16.18
CA TYR A 188 -2.86 12.99 -15.43
C TYR A 188 -1.74 12.18 -16.11
N ALA A 189 -2.06 11.53 -17.23
CA ALA A 189 -1.06 10.76 -17.98
C ALA A 189 0.22 11.54 -18.33
N PRO A 190 0.10 12.84 -18.70
CA PRO A 190 1.29 13.65 -18.97
C PRO A 190 2.33 13.69 -17.84
N PHE A 191 1.89 13.48 -16.60
CA PHE A 191 2.76 13.63 -15.44
C PHE A 191 3.50 12.35 -15.06
N ILE A 192 3.10 11.24 -15.66
CA ILE A 192 3.69 9.93 -15.35
C ILE A 192 4.98 9.72 -16.15
N ASP A 193 6.01 9.21 -15.47
CA ASP A 193 7.30 8.88 -16.10
C ASP A 193 7.16 8.15 -17.43
N GLU A 194 8.09 8.41 -18.33
CA GLU A 194 8.13 7.84 -19.69
C GLU A 194 7.67 6.38 -19.80
N GLY A 195 8.19 5.52 -18.92
CA GLY A 195 7.97 4.09 -18.99
C GLY A 195 6.55 3.55 -18.86
N MET A 196 5.70 4.22 -18.07
CA MET A 196 4.47 3.57 -17.59
C MET A 196 3.12 4.25 -17.87
N THR A 197 2.05 3.48 -17.70
CA THR A 197 0.69 4.00 -17.77
C THR A 197 0.25 4.50 -16.39
N VAL A 198 -0.86 5.23 -16.34
CA VAL A 198 -1.44 5.65 -15.07
C VAL A 198 -1.75 4.45 -14.17
N ALA A 199 -2.35 3.40 -14.75
CA ALA A 199 -2.67 2.20 -14.00
C ALA A 199 -1.43 1.54 -13.38
N GLN A 200 -0.34 1.46 -14.15
CA GLN A 200 0.92 0.93 -13.64
C GLN A 200 1.47 1.81 -12.51
N TYR A 201 1.48 3.12 -12.70
CA TYR A 201 1.89 4.04 -11.65
C TYR A 201 1.09 3.81 -10.35
N CYS A 202 -0.23 3.67 -10.47
CA CYS A 202 -1.09 3.41 -9.29
C CYS A 202 -0.72 2.09 -8.61
N GLU A 203 -0.54 1.03 -9.41
CA GLU A 203 -0.22 -0.30 -8.90
C GLU A 203 1.12 -0.33 -8.18
N GLN A 204 2.04 0.49 -8.64
CA GLN A 204 3.41 0.44 -8.12
C GLN A 204 3.68 1.46 -7.03
N GLU A 205 3.00 2.61 -7.07
CA GLU A 205 3.37 3.77 -6.24
C GLU A 205 2.28 4.28 -5.29
N ILE A 206 1.04 3.81 -5.48
CA ILE A 206 -0.11 4.29 -4.68
C ILE A 206 -0.75 3.15 -3.88
N GLU A 207 -1.11 2.07 -4.57
CA GLU A 207 -1.78 0.93 -3.94
C GLU A 207 -0.98 0.17 -2.86
N PRO A 208 0.32 -0.02 -3.04
CA PRO A 208 1.05 -0.71 -1.95
C PRO A 208 1.12 0.10 -0.66
N MET A 209 0.93 -0.55 0.48
CA MET A 209 1.18 0.09 1.76
C MET A 209 2.66 0.42 1.92
N TRP A 210 2.95 1.47 2.70
CA TRP A 210 4.31 1.96 2.96
C TRP A 210 5.01 2.63 1.79
N LYS A 211 4.29 2.88 0.69
CA LYS A 211 4.83 3.68 -0.44
C LYS A 211 4.61 5.16 -0.21
N ASP A 212 5.70 5.91 -0.02
CA ASP A 212 5.59 7.36 0.20
C ASP A 212 4.86 8.04 -0.94
N ALA A 213 4.00 8.99 -0.58
CA ALA A 213 3.25 9.76 -1.55
C ALA A 213 4.14 10.78 -2.26
N ASP A 214 4.25 10.70 -3.58
CA ASP A 214 4.95 11.76 -4.33
C ASP A 214 4.00 12.94 -4.62
N HIS A 215 4.48 13.96 -5.33
CA HIS A 215 3.70 15.18 -5.57
C HIS A 215 2.32 14.89 -6.21
N LEU A 216 2.29 13.96 -7.15
CA LEU A 216 1.05 13.60 -7.84
C LEU A 216 0.07 12.88 -6.91
N ALA A 217 0.60 11.95 -6.11
CA ALA A 217 -0.20 11.22 -5.12
C ALA A 217 -0.81 12.19 -4.11
N ILE A 218 0.00 13.15 -3.67
CA ILE A 218 -0.47 14.15 -2.72
C ILE A 218 -1.66 14.93 -3.29
N ASN A 219 -1.50 15.45 -4.51
CA ASN A 219 -2.59 16.14 -5.19
C ASN A 219 -3.84 15.29 -5.38
N SER A 220 -3.64 14.05 -5.83
CA SER A 220 -4.74 13.12 -6.06
C SER A 220 -5.52 12.78 -4.79
N LEU A 221 -4.81 12.47 -3.70
CA LEU A 221 -5.47 12.18 -2.42
C LEU A 221 -6.38 13.33 -1.98
N ILE A 222 -5.84 14.54 -2.03
CA ILE A 222 -6.56 15.69 -1.53
C ILE A 222 -7.81 15.96 -2.37
N LYS A 223 -7.69 15.84 -3.68
CA LYS A 223 -8.86 15.96 -4.57
C LYS A 223 -9.87 14.82 -4.36
N ALA A 224 -9.38 13.59 -4.22
CA ALA A 224 -10.24 12.42 -4.00
C ALA A 224 -11.03 12.55 -2.71
N ALA A 225 -10.38 13.05 -1.66
CA ALA A 225 -11.00 13.20 -0.37
C ALA A 225 -11.86 14.46 -0.28
N GLY A 226 -11.80 15.31 -1.29
CA GLY A 226 -12.58 16.55 -1.33
C GLY A 226 -12.22 17.56 -0.27
N THR A 227 -10.94 17.67 0.04
CA THR A 227 -10.53 18.56 1.12
C THR A 227 -9.59 19.65 0.58
N ARG A 228 -9.06 20.47 1.48
CA ARG A 228 -8.18 21.59 1.12
C ARG A 228 -7.11 21.65 2.19
N VAL A 229 -5.85 21.61 1.76
CA VAL A 229 -4.74 21.47 2.70
C VAL A 229 -3.72 22.58 2.45
N ARG A 230 -3.19 23.15 3.54
CA ARG A 230 -1.99 23.99 3.46
C ARG A 230 -0.81 23.21 4.02
N ILE A 231 0.30 23.11 3.28
CA ILE A 231 1.53 22.54 3.83
C ILE A 231 2.51 23.69 4.08
N GLU A 232 2.92 23.85 5.33
CA GLU A 232 3.96 24.80 5.72
C GLU A 232 5.30 24.08 5.65
N TYR A 233 6.32 24.72 5.07
CA TYR A 233 7.65 24.08 5.00
C TYR A 233 8.61 24.74 5.97
N MET A 234 9.36 23.93 6.71
CA MET A 234 10.48 24.47 7.53
C MET A 234 11.63 24.94 6.64
N ASP A 235 11.71 24.35 5.45
CA ASP A 235 12.77 24.68 4.48
C ASP A 235 12.10 24.88 3.11
N ARG A 236 12.04 26.13 2.68
CA ARG A 236 11.42 26.50 1.39
C ARG A 236 11.95 25.70 0.17
N THR A 237 13.18 25.21 0.27
CA THR A 237 13.78 24.39 -0.82
C THR A 237 12.96 23.14 -1.10
N ALA A 238 12.32 22.60 -0.06
CA ALA A 238 11.51 21.38 -0.17
C ALA A 238 10.13 21.60 -0.81
N ALA A 239 9.69 22.85 -0.91
CA ALA A 239 8.34 23.14 -1.39
C ALA A 239 8.23 22.95 -2.90
N PRO A 240 7.21 22.18 -3.35
CA PRO A 240 7.02 21.94 -4.79
C PRO A 240 6.71 23.22 -5.55
N ASN A 241 6.10 24.21 -4.91
CA ASN A 241 5.80 25.50 -5.55
C ASN A 241 6.86 26.59 -5.26
N GLY A 242 7.94 26.21 -4.58
CA GLY A 242 8.96 27.16 -4.11
C GLY A 242 8.48 28.22 -3.13
N GLY A 243 7.36 27.96 -2.45
CA GLY A 243 6.87 28.90 -1.44
C GLY A 243 7.05 28.40 -0.02
N TRP A 244 6.89 29.30 0.96
CA TRP A 244 6.94 28.89 2.37
C TRP A 244 5.77 28.00 2.75
N HIS A 245 4.65 28.18 2.04
CA HIS A 245 3.53 27.23 2.15
C HIS A 245 2.97 26.89 0.78
N TYR A 246 2.21 25.81 0.72
CA TYR A 246 1.69 25.29 -0.54
C TYR A 246 0.26 24.85 -0.26
N ASP A 247 -0.69 25.50 -0.94
CA ASP A 247 -2.09 25.19 -0.82
C ASP A 247 -2.54 24.23 -1.93
N ILE A 248 -3.21 23.16 -1.52
CA ILE A 248 -3.66 22.10 -2.42
C ILE A 248 -5.16 21.89 -2.21
N PRO A 249 -5.96 21.89 -3.30
CA PRO A 249 -5.57 22.07 -4.70
C PRO A 249 -5.24 23.53 -5.04
N SER A 250 -4.42 23.75 -6.06
CA SER A 250 -4.11 25.09 -6.56
C SER A 250 -5.36 25.76 -7.12
N ASP A 251 -6.08 26.50 -6.28
CA ASP A 251 -7.37 27.08 -6.69
C ASP A 251 -7.27 28.49 -7.23
N ASP A 252 -6.73 29.41 -6.42
CA ASP A 252 -6.77 30.87 -6.63
C ASP A 252 -7.98 31.47 -5.90
N GLN A 253 -8.86 30.60 -5.40
CA GLN A 253 -10.05 31.02 -4.65
C GLN A 253 -9.73 31.25 -3.18
N GLN A 254 -10.36 32.28 -2.61
CA GLN A 254 -10.18 32.63 -1.20
C GLN A 254 -11.06 31.73 -0.31
N ILE A 255 -10.50 30.59 0.05
CA ILE A 255 -11.12 29.64 0.98
C ILE A 255 -9.99 29.10 1.85
N ALA A 256 -10.11 29.26 3.17
CA ALA A 256 -9.08 28.81 4.07
C ALA A 256 -8.88 27.28 3.95
N PRO A 257 -7.62 26.81 4.05
CA PRO A 257 -7.42 25.37 4.13
C PRO A 257 -8.09 24.82 5.37
N GLU A 258 -8.57 23.58 5.33
CA GLU A 258 -9.19 23.04 6.52
C GLU A 258 -8.28 22.07 7.27
N ILE A 259 -7.15 21.71 6.66
CA ILE A 259 -6.09 20.91 7.33
C ILE A 259 -4.79 21.63 7.06
N THR A 260 -3.97 21.82 8.09
CA THR A 260 -2.63 22.40 7.89
C THR A 260 -1.59 21.41 8.37
N LEU A 261 -0.57 21.17 7.54
CA LEU A 261 0.52 20.26 7.91
C LEU A 261 1.84 21.02 7.94
N LEU A 262 2.80 20.48 8.70
CA LEU A 262 4.17 20.98 8.68
C LEU A 262 5.06 19.90 8.08
N TYR A 263 5.84 20.28 7.09
CA TYR A 263 6.83 19.37 6.54
C TYR A 263 8.24 19.68 7.01
N ARG A 264 8.89 18.64 7.53
CA ARG A 264 10.33 18.64 7.83
C ARG A 264 10.88 17.37 7.22
N PRO A 265 12.21 17.27 7.02
CA PRO A 265 12.73 16.05 6.43
C PRO A 265 12.25 14.81 7.20
N GLY A 266 11.55 13.90 6.52
CA GLY A 266 11.09 12.68 7.17
C GLY A 266 9.74 12.77 7.90
N HIS A 267 9.06 13.93 7.83
CA HIS A 267 7.88 14.17 8.67
C HIS A 267 6.81 15.04 8.02
N TYR A 268 5.56 14.58 8.07
CA TYR A 268 4.40 15.48 7.90
C TYR A 268 3.64 15.41 9.22
N ASP A 269 3.55 16.53 9.92
CA ASP A 269 2.81 16.55 11.17
C ASP A 269 1.63 17.49 11.05
N VAL A 270 0.57 17.23 11.80
CA VAL A 270 -0.58 18.14 11.77
C VAL A 270 -0.36 19.33 12.71
N ILE A 271 -0.65 20.53 12.21
CA ILE A 271 -0.51 21.74 13.05
C ILE A 271 -1.81 22.53 13.12
N TYR A 272 -1.96 23.30 14.20
CA TYR A 272 -3.23 23.91 14.54
C TYR A 272 -3.07 25.39 14.84
N LYS A 273 -3.84 26.21 14.14
CA LYS A 273 -3.79 27.66 14.31
C LYS A 273 -4.22 28.07 15.71
N LYS A 274 -3.58 29.11 16.25
CA LYS A 274 -4.00 29.68 17.52
C LYS A 274 -5.41 30.25 17.35
N ASP A 275 -6.23 30.10 18.38
CA ASP A 275 -7.62 30.58 18.35
C ASP A 275 -7.75 32.09 18.17
N GLY B 3 -9.70 -17.59 16.32
CA GLY B 3 -10.07 -18.03 14.94
C GLY B 3 -9.44 -17.14 13.88
N LEU B 4 -9.43 -17.63 12.65
CA LEU B 4 -8.82 -16.90 11.54
C LEU B 4 -9.63 -15.65 11.21
N PRO B 5 -8.95 -14.61 10.70
CA PRO B 5 -9.68 -13.45 10.16
C PRO B 5 -10.65 -13.87 9.05
N ARG B 6 -11.77 -13.17 8.94
CA ARG B 6 -12.78 -13.43 7.91
CA ARG B 6 -12.78 -13.43 7.90
C ARG B 6 -12.16 -13.44 6.50
N ARG B 7 -11.21 -12.55 6.26
CA ARG B 7 -10.52 -12.45 4.97
C ARG B 7 -9.88 -13.79 4.55
N ILE B 8 -9.18 -14.44 5.48
CA ILE B 8 -8.51 -15.72 5.17
C ILE B 8 -9.52 -16.86 4.99
N ILE B 9 -10.54 -16.91 5.85
CA ILE B 9 -11.61 -17.91 5.68
C ILE B 9 -12.22 -17.82 4.29
N LYS B 10 -12.54 -16.61 3.86
CA LYS B 10 -13.16 -16.38 2.55
C LYS B 10 -12.22 -16.77 1.41
N GLU B 11 -10.96 -16.35 1.47
CA GLU B 11 -10.03 -16.73 0.41
C GLU B 11 -9.88 -18.24 0.31
N THR B 12 -9.82 -18.91 1.45
CA THR B 12 -9.66 -20.35 1.49
C THR B 12 -10.88 -21.04 0.84
N GLN B 13 -12.07 -20.59 1.21
CA GLN B 13 -13.30 -21.13 0.64
C GLN B 13 -13.34 -20.98 -0.89
N ARG B 14 -13.00 -19.78 -1.37
CA ARG B 14 -12.99 -19.48 -2.81
CA ARG B 14 -13.00 -19.50 -2.81
C ARG B 14 -11.94 -20.29 -3.56
N LEU B 15 -10.77 -20.48 -2.95
CA LEU B 15 -9.71 -21.30 -3.57
C LEU B 15 -10.13 -22.75 -3.71
N LEU B 16 -10.87 -23.24 -2.73
CA LEU B 16 -11.28 -24.62 -2.78
C LEU B 16 -12.47 -24.80 -3.74
N ALA B 17 -13.36 -23.81 -3.79
CA ALA B 17 -14.53 -23.86 -4.68
C ALA B 17 -14.15 -23.62 -6.15
N GLU B 18 -13.20 -22.71 -6.37
CA GLU B 18 -12.75 -22.34 -7.71
C GLU B 18 -11.21 -22.30 -7.83
N PRO B 19 -10.59 -23.48 -7.95
CA PRO B 19 -9.13 -23.55 -8.04
C PRO B 19 -8.62 -22.82 -9.28
N VAL B 20 -7.36 -22.35 -9.22
CA VAL B 20 -6.71 -21.78 -10.38
C VAL B 20 -6.34 -22.93 -11.33
N PRO B 21 -6.72 -22.83 -12.63
CA PRO B 21 -6.40 -23.88 -13.59
C PRO B 21 -4.91 -24.18 -13.63
N GLY B 22 -4.56 -25.46 -13.53
CA GLY B 22 -3.14 -25.90 -13.50
C GLY B 22 -2.44 -25.77 -12.15
N ILE B 23 -3.18 -25.36 -11.12
CA ILE B 23 -2.62 -25.19 -9.76
C ILE B 23 -3.46 -25.83 -8.66
N LYS B 24 -2.83 -26.69 -7.86
CA LYS B 24 -3.47 -27.18 -6.65
C LYS B 24 -3.01 -26.34 -5.47
N ALA B 25 -3.95 -25.89 -4.64
CA ALA B 25 -3.61 -25.15 -3.42
C ALA B 25 -4.57 -25.51 -2.29
N GLU B 26 -4.04 -26.03 -1.19
CA GLU B 26 -4.88 -26.51 -0.08
C GLU B 26 -4.25 -26.15 1.26
N PRO B 27 -5.08 -25.73 2.24
CA PRO B 27 -4.53 -25.47 3.56
C PRO B 27 -4.07 -26.74 4.26
N ASP B 28 -3.04 -26.60 5.10
CA ASP B 28 -2.56 -27.67 5.95
C ASP B 28 -3.61 -27.95 7.02
N GLU B 29 -3.80 -29.21 7.39
CA GLU B 29 -4.83 -29.55 8.40
C GLU B 29 -4.47 -29.11 9.83
N SER B 30 -3.20 -28.87 10.09
CA SER B 30 -2.73 -28.44 11.42
C SER B 30 -2.55 -26.92 11.52
N ASN B 31 -2.24 -26.27 10.40
CA ASN B 31 -2.01 -24.82 10.40
C ASN B 31 -2.72 -24.18 9.21
N ALA B 32 -3.85 -23.54 9.49
CA ALA B 32 -4.72 -22.98 8.45
C ALA B 32 -4.13 -21.77 7.71
N ARG B 33 -2.97 -21.28 8.15
CA ARG B 33 -2.31 -20.17 7.46
C ARG B 33 -1.27 -20.70 6.44
N TYR B 34 -1.09 -22.01 6.46
CA TYR B 34 -0.05 -22.70 5.72
C TYR B 34 -0.70 -23.47 4.58
N PHE B 35 -0.29 -23.17 3.34
CA PHE B 35 -0.87 -23.80 2.15
C PHE B 35 0.13 -24.64 1.41
N HIS B 36 -0.27 -25.86 1.03
CA HIS B 36 0.53 -26.71 0.15
C HIS B 36 0.11 -26.48 -1.28
N VAL B 37 1.06 -26.08 -2.12
CA VAL B 37 0.79 -25.69 -3.51
C VAL B 37 1.56 -26.58 -4.48
N VAL B 38 0.91 -26.94 -5.58
CA VAL B 38 1.56 -27.64 -6.67
C VAL B 38 1.20 -26.92 -7.97
N ILE B 39 2.21 -26.50 -8.71
CA ILE B 39 1.99 -25.84 -10.00
C ILE B 39 2.51 -26.74 -11.10
N ALA B 40 1.66 -27.02 -12.08
CA ALA B 40 2.08 -27.79 -13.26
C ALA B 40 2.97 -26.92 -14.14
N GLY B 41 4.07 -27.49 -14.63
CA GLY B 41 4.89 -26.80 -15.62
C GLY B 41 4.01 -26.50 -16.82
N PRO B 42 3.97 -25.22 -17.27
CA PRO B 42 3.05 -24.90 -18.36
C PRO B 42 3.43 -25.56 -19.68
N GLN B 43 2.40 -25.91 -20.44
CA GLN B 43 2.60 -26.45 -21.78
C GLN B 43 3.39 -25.41 -22.60
N ASP B 44 4.34 -25.91 -23.39
CA ASP B 44 5.18 -25.07 -24.27
C ASP B 44 6.34 -24.33 -23.56
N SER B 45 6.37 -24.40 -22.23
CA SER B 45 7.50 -23.84 -21.48
C SER B 45 8.61 -24.89 -21.30
N PRO B 46 9.81 -24.45 -20.87
CA PRO B 46 10.88 -25.41 -20.59
C PRO B 46 10.52 -26.33 -19.41
N PHE B 47 9.44 -26.03 -18.71
CA PHE B 47 9.05 -26.75 -17.48
C PHE B 47 7.90 -27.73 -17.71
N GLU B 48 7.50 -27.88 -18.97
CA GLU B 48 6.42 -28.81 -19.34
C GLU B 48 6.73 -30.23 -18.85
N GLY B 49 5.72 -30.89 -18.29
CA GLY B 49 5.88 -32.24 -17.74
C GLY B 49 6.21 -32.25 -16.25
N GLY B 50 6.68 -31.11 -15.72
CA GLY B 50 7.06 -31.05 -14.32
C GLY B 50 5.89 -30.72 -13.41
N THR B 51 5.99 -31.15 -12.16
CA THR B 51 5.07 -30.73 -11.10
C THR B 51 5.91 -30.08 -10.02
N PHE B 52 5.57 -28.84 -9.69
CA PHE B 52 6.42 -28.00 -8.82
C PHE B 52 5.74 -27.75 -7.50
N LYS B 53 6.35 -28.25 -6.42
CA LYS B 53 5.80 -28.04 -5.09
C LYS B 53 6.27 -26.70 -4.52
N LEU B 54 5.33 -25.97 -3.96
CA LEU B 54 5.62 -24.71 -3.26
C LEU B 54 4.96 -24.71 -1.88
N GLU B 55 5.49 -23.90 -0.98
CA GLU B 55 4.82 -23.63 0.28
C GLU B 55 4.46 -22.18 0.31
N LEU B 56 3.29 -21.90 0.89
CA LEU B 56 2.83 -20.53 1.03
C LEU B 56 2.31 -20.34 2.44
N PHE B 57 2.69 -19.23 3.06
CA PHE B 57 2.26 -18.95 4.43
C PHE B 57 1.71 -17.53 4.56
N LEU B 58 0.61 -17.39 5.28
CA LEU B 58 0.03 -16.08 5.51
C LEU B 58 0.42 -15.58 6.91
N PRO B 59 1.30 -14.57 6.98
CA PRO B 59 1.73 -14.11 8.31
C PRO B 59 0.61 -13.40 9.03
N GLU B 60 0.77 -13.22 10.34
CA GLU B 60 -0.25 -12.60 11.18
C GLU B 60 -0.78 -11.28 10.61
N GLU B 61 0.08 -10.47 10.00
CA GLU B 61 -0.35 -9.15 9.52
C GLU B 61 -1.06 -9.14 8.15
N TYR B 62 -1.11 -10.29 7.47
CA TYR B 62 -1.83 -10.43 6.20
C TYR B 62 -3.26 -9.93 6.39
N PRO B 63 -3.79 -9.16 5.42
CA PRO B 63 -3.30 -8.82 4.08
C PRO B 63 -2.42 -7.59 3.98
N MET B 64 -1.97 -7.04 5.11
CA MET B 64 -1.07 -5.89 5.08
C MET B 64 0.35 -6.21 4.61
N ALA B 65 0.73 -7.49 4.71
CA ALA B 65 2.01 -7.90 4.10
C ALA B 65 1.73 -9.09 3.20
N ALA B 66 2.64 -9.31 2.25
CA ALA B 66 2.47 -10.39 1.28
C ALA B 66 2.56 -11.77 1.93
N PRO B 67 1.92 -12.79 1.31
CA PRO B 67 2.17 -14.16 1.67
C PRO B 67 3.66 -14.44 1.53
N LYS B 68 4.19 -15.32 2.38
CA LYS B 68 5.57 -15.81 2.22
C LYS B 68 5.49 -17.05 1.35
N VAL B 69 6.35 -17.11 0.33
CA VAL B 69 6.27 -18.22 -0.64
C VAL B 69 7.65 -18.74 -0.97
N ARG B 70 7.77 -20.04 -1.15
CA ARG B 70 8.99 -20.57 -1.77
C ARG B 70 8.73 -21.87 -2.53
N PHE B 71 9.48 -22.06 -3.61
CA PHE B 71 9.57 -23.35 -4.28
C PHE B 71 10.28 -24.34 -3.36
N MET B 72 9.68 -25.53 -3.25
CA MET B 72 10.33 -26.63 -2.55
CA MET B 72 10.30 -26.66 -2.55
C MET B 72 11.01 -27.55 -3.57
N THR B 73 10.44 -27.64 -4.76
CA THR B 73 11.07 -28.39 -5.87
C THR B 73 12.14 -27.48 -6.50
N LYS B 74 13.33 -28.03 -6.74
CA LYS B 74 14.34 -27.27 -7.47
C LYS B 74 13.87 -26.91 -8.88
N ILE B 75 14.21 -25.70 -9.32
CA ILE B 75 13.79 -25.22 -10.65
C ILE B 75 14.85 -24.27 -11.19
N TYR B 76 15.18 -24.37 -12.48
CA TYR B 76 16.21 -23.51 -13.07
C TYR B 76 15.49 -22.35 -13.77
N HIS B 77 15.53 -21.17 -13.17
CA HIS B 77 14.67 -20.06 -13.59
C HIS B 77 15.29 -18.74 -13.12
N PRO B 78 15.29 -17.71 -13.99
CA PRO B 78 15.95 -16.45 -13.62
C PRO B 78 15.35 -15.77 -12.40
N ASN B 79 14.09 -16.05 -12.09
CA ASN B 79 13.41 -15.41 -10.95
C ASN B 79 13.29 -16.27 -9.69
N VAL B 80 13.93 -17.44 -9.67
CA VAL B 80 13.85 -18.33 -8.50
C VAL B 80 15.26 -18.61 -8.02
N ASP B 81 15.53 -18.28 -6.76
CA ASP B 81 16.88 -18.45 -6.26
C ASP B 81 17.10 -19.79 -5.54
N LYS B 82 18.30 -20.00 -5.02
CA LYS B 82 18.69 -21.30 -4.43
C LYS B 82 17.87 -21.70 -3.20
N LEU B 83 17.30 -20.71 -2.52
CA LEU B 83 16.44 -20.97 -1.38
C LEU B 83 14.98 -21.19 -1.80
N GLY B 84 14.72 -21.06 -3.10
CA GLY B 84 13.34 -21.19 -3.61
C GLY B 84 12.56 -19.89 -3.62
N ARG B 85 13.19 -18.80 -3.22
CA ARG B 85 12.50 -17.48 -3.17
C ARG B 85 12.27 -16.96 -4.55
N ILE B 86 11.14 -16.27 -4.72
CA ILE B 86 10.73 -15.81 -6.03
C ILE B 86 10.89 -14.30 -6.15
N CYS B 87 11.60 -13.86 -7.20
CA CYS B 87 11.79 -12.44 -7.45
C CYS B 87 10.57 -11.90 -8.17
N LEU B 88 9.62 -11.42 -7.37
CA LEU B 88 8.36 -10.89 -7.88
C LEU B 88 8.05 -9.69 -7.01
N ASP B 89 7.87 -8.53 -7.63
CA ASP B 89 7.66 -7.27 -6.89
C ASP B 89 6.45 -7.33 -5.95
N ILE B 90 5.38 -8.00 -6.37
CA ILE B 90 4.19 -8.14 -5.52
C ILE B 90 4.41 -8.99 -4.25
N LEU B 91 5.51 -9.75 -4.19
CA LEU B 91 5.86 -10.46 -2.96
C LEU B 91 6.74 -9.60 -2.05
N LYS B 92 7.12 -8.42 -2.55
CA LYS B 92 8.02 -7.53 -1.82
C LYS B 92 7.32 -6.19 -1.63
N ASP B 93 7.92 -5.11 -2.12
CA ASP B 93 7.44 -3.76 -1.81
C ASP B 93 6.18 -3.37 -2.58
N LYS B 94 5.81 -4.16 -3.61
CA LYS B 94 4.63 -3.81 -4.39
C LYS B 94 3.40 -4.64 -4.10
N TRP B 95 3.45 -5.38 -2.99
CA TRP B 95 2.27 -6.04 -2.48
C TRP B 95 1.27 -4.97 -2.10
N SER B 96 0.02 -5.22 -2.43
CA SER B 96 -1.04 -4.38 -1.95
C SER B 96 -2.12 -5.28 -1.36
N PRO B 97 -2.74 -4.82 -0.27
CA PRO B 97 -3.81 -5.56 0.37
C PRO B 97 -5.00 -5.85 -0.58
N ALA B 98 -5.06 -5.15 -1.71
CA ALA B 98 -6.09 -5.38 -2.73
C ALA B 98 -5.86 -6.72 -3.43
N LEU B 99 -4.62 -7.18 -3.43
CA LEU B 99 -4.26 -8.43 -4.12
C LEU B 99 -4.56 -9.59 -3.19
N GLN B 100 -4.49 -10.83 -3.70
CA GLN B 100 -4.83 -11.97 -2.89
C GLN B 100 -4.00 -13.20 -3.25
N ILE B 101 -4.23 -14.31 -2.56
CA ILE B 101 -3.45 -15.53 -2.83
C ILE B 101 -3.57 -15.90 -4.31
N ARG B 102 -4.77 -15.83 -4.86
CA ARG B 102 -4.99 -16.19 -6.29
C ARG B 102 -4.08 -15.37 -7.22
N THR B 103 -3.93 -14.07 -6.92
CA THR B 103 -3.05 -13.20 -7.71
C THR B 103 -1.61 -13.71 -7.72
N VAL B 104 -1.12 -14.08 -6.55
CA VAL B 104 0.23 -14.63 -6.39
C VAL B 104 0.38 -15.92 -7.19
N LEU B 105 -0.56 -16.84 -7.02
CA LEU B 105 -0.47 -18.11 -7.75
C LEU B 105 -0.45 -17.91 -9.26
N LEU B 106 -1.35 -17.08 -9.77
CA LEU B 106 -1.36 -16.76 -11.20
C LEU B 106 -0.07 -16.10 -11.68
N SER B 107 0.51 -15.21 -10.88
CA SER B 107 1.73 -14.52 -11.26
CA SER B 107 1.73 -14.51 -11.24
C SER B 107 2.93 -15.46 -11.36
N ILE B 108 3.03 -16.40 -10.42
CA ILE B 108 4.12 -17.38 -10.43
C ILE B 108 3.97 -18.30 -11.63
N GLN B 109 2.75 -18.76 -11.87
CA GLN B 109 2.48 -19.59 -13.05
C GLN B 109 2.88 -18.84 -14.34
N ALA B 110 2.52 -17.55 -14.41
CA ALA B 110 2.85 -16.72 -15.58
C ALA B 110 4.35 -16.60 -15.80
N LEU B 111 5.11 -16.52 -14.70
CA LEU B 111 6.57 -16.44 -14.74
C LEU B 111 7.19 -17.68 -15.38
N LEU B 112 6.59 -18.83 -15.09
CA LEU B 112 7.07 -20.10 -15.69
C LEU B 112 6.91 -20.10 -17.23
N SER B 113 5.86 -19.44 -17.71
CA SER B 113 5.63 -19.28 -19.16
C SER B 113 6.46 -18.16 -19.79
N ALA B 114 6.87 -17.18 -18.98
CA ALA B 114 7.57 -16.00 -19.48
C ALA B 114 8.71 -15.61 -18.54
N PRO B 115 9.79 -16.42 -18.52
CA PRO B 115 10.90 -16.10 -17.62
C PRO B 115 11.43 -14.70 -17.87
N ASN B 116 11.54 -13.90 -16.81
CA ASN B 116 12.03 -12.52 -16.92
C ASN B 116 13.48 -12.38 -16.47
N PRO B 117 14.42 -12.40 -17.44
CA PRO B 117 15.82 -12.24 -17.03
C PRO B 117 16.26 -10.77 -16.92
N ASP B 118 15.39 -9.85 -17.33
CA ASP B 118 15.68 -8.41 -17.31
C ASP B 118 15.37 -7.73 -15.98
N ASP B 119 14.98 -8.52 -14.98
CA ASP B 119 14.73 -8.01 -13.63
C ASP B 119 15.98 -7.31 -13.08
N PRO B 120 15.85 -6.03 -12.64
CA PRO B 120 17.00 -5.23 -12.22
C PRO B 120 17.94 -5.98 -11.27
N LEU B 121 17.36 -6.81 -10.41
CA LEU B 121 18.11 -7.68 -9.50
C LEU B 121 18.83 -8.77 -10.31
N ALA B 122 20.02 -8.41 -10.78
CA ALA B 122 20.83 -9.28 -11.62
C ALA B 122 21.29 -10.52 -10.86
N ASN B 123 21.32 -11.65 -11.55
CA ASN B 123 21.91 -12.86 -11.00
C ASN B 123 22.47 -13.73 -12.13
N ASP B 124 23.31 -14.69 -11.78
CA ASP B 124 24.00 -15.53 -12.77
C ASP B 124 23.07 -16.32 -13.69
N VAL B 125 21.95 -16.81 -13.13
CA VAL B 125 21.01 -17.58 -13.94
C VAL B 125 20.33 -16.66 -14.95
N ALA B 126 19.89 -15.49 -14.48
CA ALA B 126 19.27 -14.49 -15.37
C ALA B 126 20.26 -14.06 -16.48
N GLU B 127 21.51 -13.84 -16.10
CA GLU B 127 22.55 -13.46 -17.05
C GLU B 127 22.70 -14.51 -18.15
N GLN B 128 22.71 -15.80 -17.78
CA GLN B 128 22.74 -16.87 -18.77
C GLN B 128 21.47 -16.96 -19.64
N TRP B 129 20.29 -16.78 -19.05
CA TRP B 129 19.05 -16.74 -19.85
C TRP B 129 19.13 -15.61 -20.91
N LYS B 130 19.75 -14.49 -20.55
CA LYS B 130 19.94 -13.36 -21.48
C LYS B 130 20.94 -13.67 -22.59
N THR B 131 22.14 -14.11 -22.21
CA THR B 131 23.27 -14.23 -23.13
C THR B 131 23.35 -15.57 -23.85
N ASN B 132 22.78 -16.62 -23.25
CA ASN B 132 22.79 -17.95 -23.86
C ASN B 132 21.48 -18.69 -23.56
N GLU B 133 20.39 -18.16 -24.13
CA GLU B 133 19.05 -18.67 -23.88
C GLU B 133 18.95 -20.15 -24.22
N ALA B 134 19.57 -20.55 -25.32
CA ALA B 134 19.58 -21.95 -25.72
C ALA B 134 20.08 -22.88 -24.60
N GLN B 135 21.23 -22.55 -24.01
CA GLN B 135 21.77 -23.35 -22.93
C GLN B 135 20.87 -23.32 -21.70
N ALA B 136 20.36 -22.13 -21.36
CA ALA B 136 19.49 -21.97 -20.18
C ALA B 136 18.24 -22.84 -20.26
N ILE B 137 17.60 -22.84 -21.43
CA ILE B 137 16.42 -23.67 -21.67
C ILE B 137 16.75 -25.16 -21.56
N GLU B 138 17.88 -25.58 -22.13
CA GLU B 138 18.21 -27.00 -22.03
CA GLU B 138 18.34 -26.97 -22.04
C GLU B 138 18.49 -27.40 -20.58
N THR B 139 19.09 -26.52 -19.81
CA THR B 139 19.31 -26.78 -18.37
C THR B 139 17.96 -26.84 -17.65
N ALA B 140 17.07 -25.90 -17.98
CA ALA B 140 15.73 -25.90 -17.36
C ALA B 140 14.98 -27.21 -17.68
N ARG B 141 15.12 -27.69 -18.92
CA ARG B 141 14.47 -28.95 -19.29
C ARG B 141 15.08 -30.14 -18.54
N ALA B 142 16.41 -30.15 -18.40
CA ALA B 142 17.11 -31.22 -17.69
C ALA B 142 16.75 -31.22 -16.21
N TRP B 143 16.73 -30.04 -15.59
CA TRP B 143 16.27 -29.92 -14.21
C TRP B 143 14.81 -30.35 -14.02
N THR B 144 13.96 -30.08 -15.00
CA THR B 144 12.57 -30.54 -14.91
C THR B 144 12.52 -32.06 -14.82
N ARG B 145 13.28 -32.73 -15.69
CA ARG B 145 13.33 -34.20 -15.67
C ARG B 145 13.93 -34.74 -14.38
N LEU B 146 15.00 -34.09 -13.91
CA LEU B 146 15.73 -34.54 -12.72
C LEU B 146 14.95 -34.36 -11.39
N TYR B 147 14.25 -33.24 -11.26
CA TYR B 147 13.69 -32.84 -9.96
C TYR B 147 12.18 -32.72 -9.91
N ALA B 148 11.55 -32.53 -11.05
CA ALA B 148 10.12 -32.18 -11.05
C ALA B 148 9.22 -33.27 -11.62
N MET B 149 9.77 -34.46 -11.84
CA MET B 149 8.97 -35.51 -12.47
C MET B 149 8.59 -36.72 -11.62
N ASN B 150 9.49 -37.18 -10.77
CA ASN B 150 9.11 -38.35 -9.95
C ASN B 150 8.94 -37.98 -8.48
N ASN B 151 8.65 -36.70 -8.28
CA ASN B 151 8.27 -36.14 -6.99
C ASN B 151 6.77 -36.34 -6.77
N ILE B 152 6.18 -35.56 -5.86
CA ILE B 152 4.75 -35.66 -5.52
C ILE B 152 4.23 -37.08 -5.32
#